data_7DFX
#
_entry.id   7DFX
#
_cell.length_a   192.075
_cell.length_b   192.075
_cell.length_c   192.075
_cell.angle_alpha   90.000
_cell.angle_beta   90.000
_cell.angle_gamma   90.000
#
_symmetry.space_group_name_H-M   'I 21 3'
#
loop_
_entity.id
_entity.type
_entity.pdbx_description
1 polymer 'DAC domain-containing protein'
2 non-polymer 'MALONIC ACID'
3 water water
#
_entity_poly.entity_id   1
_entity_poly.type   'polypeptide(L)'
_entity_poly.pdbx_seq_one_letter_code
;KNKVNRSFVDLGISTQRKIVYELYFAVKYLSKNKVGAIITLQRNILLDSLRTDGVKIDSLINSSLLIAIFQKSSPLHDGA
VIIVDDRILYASTYFSVSESTLEDRYGARHRAALGISEVSDSITVVVSEQSGEVVIVRDANFFKVTNLETFTEVLTKELN
SSQTNTAKKHHHHH
;
_entity_poly.pdbx_strand_id   A,B
#
loop_
_chem_comp.id
_chem_comp.type
_chem_comp.name
_chem_comp.formula
MLA non-polymer 'MALONIC ACID' 'C3 H4 O4'
#
# COMPACT_ATOMS: atom_id res chain seq x y z
N SER A 7 -7.32 -18.56 12.82
CA SER A 7 -7.91 -17.76 11.74
C SER A 7 -8.03 -16.28 12.14
N PHE A 8 -9.08 -15.92 12.87
CA PHE A 8 -9.24 -14.57 13.39
C PHE A 8 -9.42 -14.55 14.89
N VAL A 9 -10.30 -15.40 15.43
CA VAL A 9 -10.54 -15.41 16.88
C VAL A 9 -9.31 -15.86 17.66
N ASP A 10 -8.31 -16.43 16.98
CA ASP A 10 -7.06 -16.84 17.58
C ASP A 10 -6.03 -15.71 17.68
N LEU A 11 -6.45 -14.46 17.48
CA LEU A 11 -5.49 -13.35 17.36
C LEU A 11 -5.23 -12.67 18.70
N GLY A 12 -6.25 -12.06 19.29
CA GLY A 12 -6.05 -11.29 20.51
C GLY A 12 -6.80 -9.99 20.45
N ILE A 13 -7.40 -9.58 21.58
CA ILE A 13 -8.37 -8.48 21.58
C ILE A 13 -7.75 -7.21 21.01
N SER A 14 -6.49 -6.92 21.37
CA SER A 14 -5.81 -5.76 20.79
C SER A 14 -5.77 -5.85 19.28
N THR A 15 -5.36 -7.01 18.76
CA THR A 15 -5.22 -7.17 17.33
C THR A 15 -6.58 -7.11 16.62
N GLN A 16 -7.58 -7.81 17.15
CA GLN A 16 -8.90 -7.80 16.53
C GLN A 16 -9.47 -6.39 16.48
N ARG A 17 -9.34 -5.65 17.57
CA ARG A 17 -9.88 -4.29 17.58
C ARG A 17 -9.10 -3.40 16.63
N LYS A 18 -7.77 -3.55 16.56
CA LYS A 18 -6.97 -2.75 15.65
C LYS A 18 -7.36 -3.01 14.20
N ILE A 19 -7.53 -4.29 13.84
CA ILE A 19 -7.94 -4.65 12.49
C ILE A 19 -9.27 -4.01 12.13
N VAL A 20 -10.28 -4.23 12.97
CA VAL A 20 -11.61 -3.70 12.66
C VAL A 20 -11.58 -2.19 12.62
N TYR A 21 -10.76 -1.56 13.46
CA TYR A 21 -10.66 -0.10 13.50
C TYR A 21 -10.07 0.44 12.21
N GLU A 22 -8.97 -0.15 11.74
CA GLU A 22 -8.36 0.32 10.50
C GLU A 22 -9.30 0.10 9.31
N LEU A 23 -9.95 -1.07 9.25
CA LEU A 23 -10.96 -1.31 8.23
C LEU A 23 -12.06 -0.28 8.31
N TYR A 24 -12.48 0.09 9.53
CA TYR A 24 -13.54 1.07 9.69
C TYR A 24 -13.14 2.41 9.08
N PHE A 25 -11.95 2.90 9.40
CA PHE A 25 -11.55 4.20 8.89
C PHE A 25 -11.41 4.18 7.37
N ALA A 26 -10.84 3.09 6.84
CA ALA A 26 -10.77 2.93 5.39
C ALA A 26 -12.15 3.02 4.77
N VAL A 27 -13.10 2.24 5.31
CA VAL A 27 -14.45 2.18 4.75
C VAL A 27 -15.16 3.51 4.89
N LYS A 28 -14.95 4.20 6.01
CA LYS A 28 -15.54 5.52 6.19
C LYS A 28 -15.11 6.47 5.09
N TYR A 29 -13.79 6.58 4.86
CA TYR A 29 -13.30 7.42 3.77
C TYR A 29 -13.89 6.98 2.43
N LEU A 30 -13.86 5.66 2.16
CA LEU A 30 -14.24 5.16 0.84
C LEU A 30 -15.71 5.39 0.57
N SER A 31 -16.54 5.26 1.62
CA SER A 31 -17.96 5.49 1.49
C SER A 31 -18.25 6.97 1.25
N LYS A 32 -17.64 7.84 2.07
CA LYS A 32 -17.85 9.28 1.93
C LYS A 32 -17.56 9.76 0.51
N ASN A 33 -16.60 9.15 -0.18
CA ASN A 33 -16.18 9.62 -1.49
C ASN A 33 -16.67 8.74 -2.64
N LYS A 34 -17.52 7.76 -2.35
CA LYS A 34 -18.07 6.88 -3.38
C LYS A 34 -16.96 6.27 -4.24
N VAL A 35 -16.02 5.61 -3.56
CA VAL A 35 -14.92 4.90 -4.18
C VAL A 35 -15.17 3.41 -4.02
N GLY A 36 -15.26 2.69 -5.14
CA GLY A 36 -15.57 1.28 -5.07
C GLY A 36 -14.46 0.49 -4.40
N ALA A 37 -14.84 -0.48 -3.58
CA ALA A 37 -13.82 -1.29 -2.93
C ALA A 37 -14.40 -2.63 -2.54
N ILE A 38 -13.54 -3.65 -2.45
CA ILE A 38 -13.95 -4.97 -2.03
C ILE A 38 -12.81 -5.60 -1.25
N ILE A 39 -13.05 -5.91 0.01
CA ILE A 39 -12.04 -6.36 0.96
C ILE A 39 -12.52 -7.68 1.55
N THR A 40 -11.81 -8.76 1.30
CA THR A 40 -12.23 -10.10 1.69
C THR A 40 -11.33 -10.60 2.81
N LEU A 41 -11.89 -10.73 4.02
CA LEU A 41 -11.20 -11.37 5.13
C LEU A 41 -11.37 -12.87 5.00
N GLN A 42 -10.26 -13.56 4.75
CA GLN A 42 -10.27 -15.00 4.62
C GLN A 42 -10.46 -15.65 5.99
N ARG A 43 -11.23 -16.74 6.04
CA ARG A 43 -11.39 -17.51 7.25
C ARG A 43 -10.82 -18.90 6.97
N ASN A 44 -11.62 -19.96 7.13
CA ASN A 44 -11.07 -21.31 7.09
C ASN A 44 -10.83 -21.85 5.70
N ILE A 45 -11.52 -21.33 4.68
CA ILE A 45 -11.31 -21.78 3.31
C ILE A 45 -10.19 -20.94 2.69
N LEU A 46 -9.08 -21.60 2.33
CA LEU A 46 -8.00 -20.88 1.70
C LEU A 46 -8.45 -20.39 0.33
N LEU A 47 -8.29 -19.09 0.09
CA LEU A 47 -8.81 -18.48 -1.12
C LEU A 47 -7.90 -18.62 -2.33
N ASP A 48 -6.68 -19.15 -2.16
CA ASP A 48 -5.69 -19.12 -3.23
C ASP A 48 -6.19 -19.77 -4.52
N SER A 49 -6.83 -20.92 -4.41
CA SER A 49 -7.32 -21.62 -5.60
C SER A 49 -8.46 -20.88 -6.29
N LEU A 50 -9.07 -19.88 -5.64
CA LEU A 50 -10.30 -19.26 -6.12
C LEU A 50 -10.08 -17.88 -6.69
N ARG A 51 -8.85 -17.39 -6.67
CA ARG A 51 -8.51 -16.06 -7.15
C ARG A 51 -7.36 -16.19 -8.16
N THR A 52 -7.31 -15.23 -9.06
CA THR A 52 -6.27 -15.17 -10.07
C THR A 52 -5.68 -13.77 -10.08
N ASP A 53 -4.44 -13.67 -10.56
CA ASP A 53 -3.77 -12.38 -10.77
C ASP A 53 -3.51 -11.74 -9.39
N GLY A 54 -3.35 -10.42 -9.35
CA GLY A 54 -3.11 -9.73 -8.11
C GLY A 54 -1.64 -9.60 -7.76
N VAL A 55 -1.38 -8.74 -6.78
CA VAL A 55 -0.04 -8.53 -6.24
C VAL A 55 -0.03 -8.97 -4.79
N LYS A 56 0.99 -9.73 -4.42
CA LYS A 56 1.15 -10.19 -3.03
C LYS A 56 1.98 -9.15 -2.29
N ILE A 57 1.35 -8.39 -1.38
CA ILE A 57 2.02 -7.32 -0.70
C ILE A 57 2.34 -7.65 0.76
N ASP A 58 1.57 -8.52 1.40
CA ASP A 58 1.92 -9.04 2.72
C ASP A 58 2.14 -7.91 3.73
N SER A 59 1.30 -6.89 3.66
CA SER A 59 1.46 -5.68 4.46
C SER A 59 0.65 -5.74 5.75
N LEU A 60 0.98 -4.85 6.67
CA LEU A 60 0.10 -4.58 7.78
C LEU A 60 -1.23 -4.04 7.26
N ILE A 61 -2.25 -4.10 8.10
CA ILE A 61 -3.55 -3.56 7.75
C ILE A 61 -3.59 -2.11 8.21
N ASN A 62 -3.71 -1.19 7.26
CA ASN A 62 -3.66 0.23 7.55
C ASN A 62 -4.69 0.99 6.70
N SER A 63 -5.47 1.86 7.34
CA SER A 63 -6.51 2.57 6.62
C SER A 63 -5.92 3.42 5.50
N SER A 64 -4.82 4.11 5.77
CA SER A 64 -4.22 4.95 4.74
C SER A 64 -3.75 4.12 3.56
N LEU A 65 -3.14 2.97 3.84
CA LEU A 65 -2.70 2.08 2.76
C LEU A 65 -3.89 1.61 1.94
N LEU A 66 -4.98 1.19 2.61
CA LEU A 66 -6.18 0.75 1.89
C LEU A 66 -6.73 1.86 1.01
N ILE A 67 -6.83 3.07 1.55
CA ILE A 67 -7.32 4.20 0.78
C ILE A 67 -6.43 4.44 -0.44
N ALA A 68 -5.12 4.33 -0.26
CA ALA A 68 -4.22 4.49 -1.40
C ALA A 68 -4.45 3.41 -2.43
N ILE A 69 -4.67 2.17 -1.97
CA ILE A 69 -4.85 1.03 -2.86
C ILE A 69 -6.09 1.21 -3.73
N PHE A 70 -7.17 1.75 -3.15
CA PHE A 70 -8.44 1.79 -3.86
C PHE A 70 -8.72 3.11 -4.57
N GLN A 71 -7.83 4.10 -4.46
CA GLN A 71 -8.01 5.33 -5.23
C GLN A 71 -8.11 5.01 -6.72
N LYS A 72 -8.94 5.76 -7.43
CA LYS A 72 -9.25 5.40 -8.81
C LYS A 72 -8.02 5.53 -9.72
N SER A 73 -7.04 6.36 -9.36
CA SER A 73 -5.81 6.45 -10.13
C SER A 73 -4.78 5.39 -9.71
N SER A 74 -5.12 4.53 -8.76
CA SER A 74 -4.17 3.53 -8.28
C SER A 74 -4.21 2.30 -9.17
N PRO A 75 -3.05 1.69 -9.48
CA PRO A 75 -3.04 0.49 -10.30
C PRO A 75 -3.60 -0.73 -9.59
N LEU A 76 -3.94 -0.63 -8.32
CA LEU A 76 -4.41 -1.78 -7.56
C LEU A 76 -5.89 -1.65 -7.16
N HIS A 77 -6.64 -0.74 -7.80
CA HIS A 77 -7.97 -0.40 -7.32
C HIS A 77 -9.07 -1.32 -7.88
N ASP A 78 -8.95 -1.75 -9.13
CA ASP A 78 -9.83 -2.81 -9.61
C ASP A 78 -9.40 -4.13 -8.99
N GLY A 79 -10.38 -4.95 -8.61
CA GLY A 79 -10.08 -6.20 -7.94
C GLY A 79 -10.11 -6.07 -6.43
N ALA A 80 -9.97 -7.20 -5.76
CA ALA A 80 -10.23 -7.29 -4.33
C ALA A 80 -8.94 -7.37 -3.53
N VAL A 81 -8.98 -6.76 -2.35
CA VAL A 81 -7.96 -6.98 -1.33
C VAL A 81 -8.32 -8.23 -0.56
N ILE A 82 -7.33 -9.06 -0.24
CA ILE A 82 -7.54 -10.24 0.60
C ILE A 82 -6.73 -10.08 1.87
N ILE A 83 -7.40 -10.16 3.01
CA ILE A 83 -6.76 -10.07 4.32
C ILE A 83 -6.67 -11.48 4.90
N VAL A 84 -5.52 -11.81 5.49
CA VAL A 84 -5.33 -13.05 6.22
C VAL A 84 -4.73 -12.70 7.57
N ASP A 85 -5.38 -13.16 8.64
CA ASP A 85 -4.99 -12.83 10.01
C ASP A 85 -4.95 -11.31 10.13
N ASP A 86 -3.78 -10.71 10.41
CA ASP A 86 -3.67 -9.25 10.57
C ASP A 86 -2.92 -8.59 9.41
N ARG A 87 -2.90 -9.23 8.23
CA ARG A 87 -2.08 -8.76 7.13
C ARG A 87 -2.87 -8.69 5.84
N ILE A 88 -2.62 -7.65 5.06
CA ILE A 88 -3.13 -7.55 3.69
C ILE A 88 -2.24 -8.44 2.83
N LEU A 89 -2.73 -9.63 2.47
CA LEU A 89 -1.90 -10.55 1.71
C LEU A 89 -1.85 -10.15 0.23
N TYR A 90 -3.02 -10.02 -0.41
CA TYR A 90 -3.10 -9.72 -1.83
C TYR A 90 -3.88 -8.43 -2.04
N ALA A 91 -3.54 -7.74 -3.12
CA ALA A 91 -4.31 -6.59 -3.58
C ALA A 91 -4.57 -6.74 -5.07
N SER A 92 -5.69 -6.17 -5.52
CA SER A 92 -6.09 -6.20 -6.92
C SER A 92 -6.07 -7.63 -7.47
N THR A 93 -6.53 -8.57 -6.64
CA THR A 93 -6.72 -9.93 -7.10
C THR A 93 -8.15 -10.11 -7.55
N TYR A 94 -8.36 -11.05 -8.48
CA TYR A 94 -9.62 -11.23 -9.16
C TYR A 94 -10.21 -12.59 -8.84
N PHE A 95 -11.46 -12.59 -8.40
CA PHE A 95 -12.20 -13.82 -8.16
C PHE A 95 -12.84 -14.30 -9.44
N SER A 96 -12.79 -15.59 -9.66
CA SER A 96 -13.28 -16.11 -10.93
C SER A 96 -14.78 -16.41 -10.88
N VAL A 97 -15.53 -15.70 -10.02
CA VAL A 97 -16.89 -16.13 -9.68
C VAL A 97 -17.74 -14.91 -9.38
N SER A 98 -19.03 -15.01 -9.73
CA SER A 98 -20.01 -13.95 -9.49
C SER A 98 -21.36 -14.60 -9.22
N GLU A 99 -22.27 -13.80 -8.70
CA GLU A 99 -23.62 -14.26 -8.39
C GLU A 99 -24.64 -13.21 -8.82
N SER A 100 -25.61 -13.61 -9.64
CA SER A 100 -26.73 -12.75 -10.02
C SER A 100 -28.03 -13.31 -9.47
N THR A 101 -29.06 -12.46 -9.47
CA THR A 101 -30.41 -12.90 -9.16
C THR A 101 -31.38 -12.32 -10.18
N LEU A 102 -32.65 -12.71 -10.04
CA LEU A 102 -33.65 -12.28 -10.99
C LEU A 102 -34.01 -10.82 -10.81
N GLU A 103 -34.19 -10.39 -9.55
CA GLU A 103 -34.89 -9.15 -9.23
C GLU A 103 -33.95 -8.01 -8.90
N ASP A 104 -32.65 -8.19 -9.04
CA ASP A 104 -31.70 -7.11 -8.81
C ASP A 104 -30.56 -7.26 -9.80
N ARG A 105 -29.84 -6.15 -10.03
CA ARG A 105 -28.70 -6.10 -10.94
C ARG A 105 -27.72 -5.03 -10.43
N TYR A 106 -27.20 -5.17 -9.20
CA TYR A 106 -26.33 -4.13 -8.68
C TYR A 106 -24.87 -4.42 -9.06
N GLY A 107 -23.94 -3.88 -8.26
CA GLY A 107 -22.60 -3.60 -8.77
C GLY A 107 -21.71 -4.82 -8.92
N ALA A 108 -20.85 -4.77 -9.95
CA ALA A 108 -19.90 -5.85 -10.21
C ALA A 108 -19.13 -6.29 -8.98
N ARG A 109 -18.78 -5.36 -8.09
CA ARG A 109 -18.13 -5.76 -6.84
C ARG A 109 -19.10 -6.53 -5.94
N HIS A 110 -20.36 -6.08 -5.86
CA HIS A 110 -21.37 -6.82 -5.11
C HIS A 110 -21.55 -8.22 -5.69
N ARG A 111 -21.68 -8.33 -7.01
CA ARG A 111 -21.76 -9.62 -7.68
CA ARG A 111 -21.76 -9.62 -7.68
C ARG A 111 -20.58 -10.51 -7.29
N ALA A 112 -19.36 -9.99 -7.43
CA ALA A 112 -18.18 -10.79 -7.14
C ALA A 112 -18.12 -11.21 -5.68
N ALA A 113 -18.54 -10.33 -4.77
CA ALA A 113 -18.48 -10.67 -3.36
C ALA A 113 -19.48 -11.77 -3.01
N LEU A 114 -20.70 -11.69 -3.56
CA LEU A 114 -21.64 -12.78 -3.31
C LEU A 114 -21.16 -14.07 -3.93
N GLY A 115 -20.60 -13.99 -5.15
CA GLY A 115 -20.00 -15.18 -5.74
C GLY A 115 -18.94 -15.79 -4.86
N ILE A 116 -18.09 -14.95 -4.26
CA ILE A 116 -17.02 -15.51 -3.45
C ILE A 116 -17.58 -16.10 -2.16
N SER A 117 -18.66 -15.53 -1.62
CA SER A 117 -19.28 -16.13 -0.43
C SER A 117 -20.00 -17.43 -0.75
N GLU A 118 -20.34 -17.65 -2.01
CA GLU A 118 -20.92 -18.94 -2.37
C GLU A 118 -19.92 -20.08 -2.25
N VAL A 119 -18.62 -19.80 -2.42
CA VAL A 119 -17.62 -20.86 -2.52
C VAL A 119 -16.64 -20.86 -1.35
N SER A 120 -16.81 -19.98 -0.37
CA SER A 120 -15.90 -19.92 0.76
C SER A 120 -16.62 -19.31 1.95
N ASP A 121 -16.08 -19.56 3.15
CA ASP A 121 -16.63 -19.01 4.37
C ASP A 121 -16.07 -17.62 4.70
N SER A 122 -15.48 -16.95 3.72
CA SER A 122 -14.87 -15.65 3.90
C SER A 122 -15.92 -14.59 4.19
N ILE A 123 -15.46 -13.44 4.68
CA ILE A 123 -16.33 -12.31 4.99
C ILE A 123 -15.86 -11.12 4.17
N THR A 124 -16.74 -10.53 3.38
CA THR A 124 -16.32 -9.52 2.42
C THR A 124 -17.02 -8.19 2.67
N VAL A 125 -16.25 -7.13 2.80
CA VAL A 125 -16.77 -5.76 2.86
C VAL A 125 -16.78 -5.19 1.46
N VAL A 126 -17.90 -4.60 1.05
CA VAL A 126 -18.00 -3.98 -0.27
C VAL A 126 -18.49 -2.55 -0.10
N VAL A 127 -17.82 -1.63 -0.80
CA VAL A 127 -18.23 -0.24 -0.89
C VAL A 127 -18.61 0.02 -2.34
N SER A 128 -19.83 0.53 -2.56
CA SER A 128 -20.37 0.72 -3.90
C SER A 128 -19.78 1.97 -4.56
N GLU A 129 -19.34 1.82 -5.81
CA GLU A 129 -18.78 2.97 -6.53
C GLU A 129 -19.83 4.05 -6.73
N GLN A 130 -21.10 3.66 -6.96
CA GLN A 130 -22.15 4.63 -7.27
C GLN A 130 -22.72 5.26 -6.00
N SER A 131 -23.22 4.42 -5.08
CA SER A 131 -23.92 4.91 -3.90
C SER A 131 -23.00 5.19 -2.72
N GLY A 132 -21.83 4.57 -2.67
CA GLY A 132 -21.05 4.61 -1.45
C GLY A 132 -21.59 3.72 -0.35
N GLU A 133 -22.62 2.93 -0.64
CA GLU A 133 -23.23 2.10 0.39
C GLU A 133 -22.35 0.91 0.74
N VAL A 134 -22.22 0.66 2.04
CA VAL A 134 -21.38 -0.40 2.58
C VAL A 134 -22.23 -1.64 2.85
N VAL A 135 -21.77 -2.79 2.38
CA VAL A 135 -22.38 -4.07 2.70
C VAL A 135 -21.31 -5.02 3.22
N ILE A 136 -21.75 -6.02 3.98
CA ILE A 136 -20.91 -7.08 4.49
C ILE A 136 -21.52 -8.41 4.05
N VAL A 137 -20.73 -9.23 3.37
CA VAL A 137 -21.22 -10.36 2.62
C VAL A 137 -20.65 -11.63 3.23
N ARG A 138 -21.52 -12.61 3.48
CA ARG A 138 -21.13 -13.91 4.01
C ARG A 138 -22.21 -14.93 3.70
N ASP A 139 -21.80 -16.13 3.28
CA ASP A 139 -22.70 -17.28 3.03
C ASP A 139 -23.90 -16.88 2.17
N ALA A 140 -23.61 -16.27 1.03
CA ALA A 140 -24.58 -15.86 0.02
C ALA A 140 -25.61 -14.85 0.53
N ASN A 141 -25.42 -14.31 1.73
CA ASN A 141 -26.27 -13.24 2.26
C ASN A 141 -25.44 -11.98 2.46
N PHE A 142 -26.11 -10.83 2.57
CA PHE A 142 -25.38 -9.58 2.74
C PHE A 142 -26.12 -8.63 3.69
N PHE A 143 -25.51 -8.41 4.86
CA PHE A 143 -25.97 -7.39 5.79
CA PHE A 143 -26.00 -7.40 5.78
C PHE A 143 -25.63 -6.01 5.24
N LYS A 144 -26.57 -5.07 5.34
CA LYS A 144 -26.33 -3.72 4.86
C LYS A 144 -25.99 -2.81 6.03
N VAL A 145 -24.85 -2.10 5.94
CA VAL A 145 -24.43 -1.25 7.05
C VAL A 145 -24.66 0.20 6.68
N THR A 146 -25.83 0.72 7.02
CA THR A 146 -26.23 2.05 6.57
C THR A 146 -25.85 3.14 7.57
N ASN A 147 -25.60 2.80 8.82
CA ASN A 147 -25.06 3.72 9.82
C ASN A 147 -23.68 3.21 10.22
N LEU A 148 -22.63 3.88 9.73
CA LEU A 148 -21.29 3.33 9.86
C LEU A 148 -20.80 3.25 11.30
N GLU A 149 -21.45 3.97 12.23
CA GLU A 149 -21.06 3.83 13.63
C GLU A 149 -21.31 2.42 14.14
N THR A 150 -22.23 1.69 13.50
CA THR A 150 -22.47 0.30 13.86
C THR A 150 -21.47 -0.65 13.22
N PHE A 151 -20.75 -0.19 12.19
CA PHE A 151 -19.85 -1.04 11.41
C PHE A 151 -18.91 -1.83 12.32
N THR A 152 -18.16 -1.11 13.17
CA THR A 152 -17.22 -1.75 14.09
C THR A 152 -17.87 -2.90 14.83
N GLU A 153 -19.10 -2.69 15.31
CA GLU A 153 -19.83 -3.75 15.97
C GLU A 153 -20.21 -4.86 14.99
N VAL A 154 -20.92 -4.49 13.91
CA VAL A 154 -21.46 -5.49 12.99
C VAL A 154 -20.36 -6.44 12.54
N LEU A 155 -19.28 -5.87 11.99
CA LEU A 155 -18.19 -6.68 11.46
C LEU A 155 -17.64 -7.64 12.50
N THR A 156 -17.42 -7.15 13.73
CA THR A 156 -16.86 -8.04 14.74
C THR A 156 -17.79 -9.22 15.00
N LYS A 157 -19.09 -8.95 15.06
CA LYS A 157 -20.07 -10.03 15.14
C LYS A 157 -19.81 -11.06 14.06
N GLU A 158 -19.80 -10.60 12.80
CA GLU A 158 -19.60 -11.52 11.69
C GLU A 158 -18.28 -12.26 11.80
N LEU A 159 -17.26 -11.62 12.38
CA LEU A 159 -15.95 -12.26 12.44
C LEU A 159 -15.94 -13.35 13.51
N ASN A 160 -16.79 -13.23 14.51
CA ASN A 160 -16.89 -14.24 15.58
C ASN A 160 -18.10 -15.15 15.37
N SER A 161 -18.18 -15.76 14.19
CA SER A 161 -19.30 -16.61 13.82
C SER A 161 -18.87 -18.08 13.79
N SER A 162 -19.62 -18.89 13.04
CA SER A 162 -19.42 -20.35 12.96
C SER A 162 -17.96 -20.73 12.71
N SER B 7 22.89 -2.60 4.50
CA SER B 7 22.17 -3.85 4.75
C SER B 7 21.60 -4.41 3.46
N PHE B 8 21.68 -3.62 2.38
CA PHE B 8 21.38 -4.15 1.05
C PHE B 8 22.44 -5.14 0.60
N VAL B 9 23.70 -4.89 0.97
CA VAL B 9 24.82 -5.73 0.52
C VAL B 9 24.79 -7.13 1.11
N ASP B 10 24.00 -7.36 2.15
CA ASP B 10 23.97 -8.64 2.84
C ASP B 10 22.94 -9.60 2.26
N LEU B 11 22.09 -9.14 1.35
CA LEU B 11 21.01 -9.96 0.81
C LEU B 11 21.52 -10.79 -0.37
N GLY B 12 20.82 -11.89 -0.64
CA GLY B 12 21.11 -12.68 -1.81
C GLY B 12 20.98 -11.87 -3.09
N ILE B 13 21.64 -12.34 -4.15
CA ILE B 13 21.64 -11.58 -5.39
C ILE B 13 20.24 -11.51 -5.98
N SER B 14 19.42 -12.55 -5.79
CA SER B 14 18.03 -12.51 -6.24
C SER B 14 17.28 -11.37 -5.56
N THR B 15 17.45 -11.20 -4.25
CA THR B 15 16.73 -10.17 -3.54
C THR B 15 17.17 -8.78 -3.97
N GLN B 16 18.49 -8.57 -4.09
CA GLN B 16 19.01 -7.29 -4.57
C GLN B 16 18.45 -6.97 -5.94
N ARG B 17 18.52 -7.93 -6.87
CA ARG B 17 18.04 -7.70 -8.22
C ARG B 17 16.55 -7.38 -8.22
N LYS B 18 15.77 -8.04 -7.35
CA LYS B 18 14.36 -7.74 -7.24
C LYS B 18 14.12 -6.30 -6.80
N ILE B 19 14.79 -5.89 -5.71
CA ILE B 19 14.65 -4.52 -5.21
C ILE B 19 14.94 -3.52 -6.32
N VAL B 20 16.07 -3.72 -7.02
CA VAL B 20 16.48 -2.76 -8.03
C VAL B 20 15.47 -2.72 -9.18
N TYR B 21 15.03 -3.89 -9.64
CA TYR B 21 14.09 -3.90 -10.76
C TYR B 21 12.74 -3.29 -10.38
N GLU B 22 12.25 -3.59 -9.18
CA GLU B 22 10.96 -3.03 -8.75
C GLU B 22 11.05 -1.53 -8.64
N LEU B 23 12.08 -1.01 -7.96
CA LEU B 23 12.30 0.43 -7.93
C LEU B 23 12.42 1.01 -9.33
N TYR B 24 13.06 0.27 -10.25
CA TYR B 24 13.20 0.71 -11.63
C TYR B 24 11.84 0.93 -12.28
N PHE B 25 10.95 -0.08 -12.18
CA PHE B 25 9.63 0.03 -12.80
C PHE B 25 8.85 1.19 -12.20
N ALA B 26 8.87 1.28 -10.86
CA ALA B 26 8.22 2.40 -10.19
C ALA B 26 8.74 3.73 -10.72
N VAL B 27 10.06 3.89 -10.78
CA VAL B 27 10.66 5.16 -11.18
C VAL B 27 10.31 5.48 -12.63
N LYS B 28 10.28 4.46 -13.49
CA LYS B 28 9.90 4.70 -14.88
C LYS B 28 8.52 5.31 -14.95
N TYR B 29 7.56 4.72 -14.23
CA TYR B 29 6.20 5.27 -14.20
C TYR B 29 6.20 6.69 -13.64
N LEU B 30 6.74 6.86 -12.44
CA LEU B 30 6.69 8.14 -11.74
C LEU B 30 7.35 9.24 -12.55
N SER B 31 8.54 8.97 -13.10
CA SER B 31 9.22 9.96 -13.91
C SER B 31 8.42 10.32 -15.14
N LYS B 32 7.94 9.32 -15.89
CA LYS B 32 7.19 9.62 -17.11
C LYS B 32 5.97 10.48 -16.83
N ASN B 33 5.27 10.21 -15.72
CA ASN B 33 4.04 10.93 -15.43
C ASN B 33 4.24 12.08 -14.45
N LYS B 34 5.49 12.46 -14.15
CA LYS B 34 5.80 13.63 -13.34
C LYS B 34 5.06 13.57 -11.99
N VAL B 35 5.33 12.50 -11.26
CA VAL B 35 4.70 12.21 -9.99
C VAL B 35 5.81 12.23 -8.95
N GLY B 36 5.77 13.19 -8.03
CA GLY B 36 6.85 13.32 -7.06
C GLY B 36 6.92 12.14 -6.12
N ALA B 37 8.14 11.81 -5.70
CA ALA B 37 8.33 10.68 -4.79
C ALA B 37 9.71 10.74 -4.15
N ILE B 38 9.79 10.21 -2.91
CA ILE B 38 11.03 10.09 -2.15
C ILE B 38 11.09 8.65 -1.64
N ILE B 39 11.99 7.85 -2.20
CA ILE B 39 12.16 6.46 -1.76
C ILE B 39 13.55 6.33 -1.15
N THR B 40 13.62 6.01 0.13
CA THR B 40 14.88 5.99 0.85
C THR B 40 15.19 4.57 1.28
N LEU B 41 16.28 4.01 0.75
CA LEU B 41 16.78 2.72 1.15
C LEU B 41 17.75 2.93 2.30
N GLN B 42 17.37 2.44 3.46
CA GLN B 42 18.26 2.52 4.61
C GLN B 42 19.32 1.45 4.50
N ARG B 43 20.52 1.76 4.99
CA ARG B 43 21.59 0.79 5.02
C ARG B 43 21.99 0.52 6.46
N ASN B 44 23.16 1.00 6.89
CA ASN B 44 23.62 0.64 8.23
C ASN B 44 23.12 1.59 9.32
N ILE B 45 23.11 2.90 9.05
CA ILE B 45 22.52 3.83 10.01
C ILE B 45 21.01 3.62 10.05
N LEU B 46 20.50 3.16 11.18
CA LEU B 46 19.07 2.96 11.33
C LEU B 46 18.34 4.30 11.35
N LEU B 47 17.35 4.44 10.49
CA LEU B 47 16.65 5.72 10.37
C LEU B 47 15.55 5.90 11.39
N ASP B 48 15.16 4.84 12.10
CA ASP B 48 14.06 4.91 13.05
C ASP B 48 14.29 5.99 14.10
N SER B 49 15.53 6.13 14.57
CA SER B 49 15.84 7.15 15.58
C SER B 49 15.46 8.56 15.12
N LEU B 50 15.62 8.86 13.84
CA LEU B 50 15.44 10.22 13.34
C LEU B 50 14.05 10.44 12.75
N ARG B 51 13.19 9.44 12.78
CA ARG B 51 11.88 9.53 12.17
C ARG B 51 10.95 10.39 13.01
N THR B 52 10.28 11.35 12.38
CA THR B 52 9.34 12.23 13.08
C THR B 52 7.94 11.62 13.03
N ASP B 53 7.36 11.55 11.83
CA ASP B 53 6.05 10.95 11.62
C ASP B 53 6.23 9.73 10.72
N GLY B 54 5.11 9.18 10.27
CA GLY B 54 5.19 8.11 9.29
C GLY B 54 4.32 6.91 9.60
N VAL B 55 3.70 6.38 8.56
CA VAL B 55 2.87 5.19 8.65
C VAL B 55 3.72 3.95 8.39
N LYS B 56 3.61 2.96 9.27
CA LYS B 56 4.35 1.72 9.15
C LYS B 56 3.49 0.68 8.45
N ILE B 57 3.95 0.19 7.29
CA ILE B 57 3.17 -0.73 6.49
C ILE B 57 3.86 -2.07 6.26
N ASP B 58 5.19 -2.16 6.38
CA ASP B 58 5.91 -3.43 6.42
C ASP B 58 5.47 -4.39 5.32
N SER B 59 5.48 -3.89 4.08
CA SER B 59 5.05 -4.70 2.94
C SER B 59 6.24 -5.13 2.10
N LEU B 60 6.02 -6.17 1.30
CA LEU B 60 6.94 -6.51 0.23
C LEU B 60 7.12 -5.32 -0.69
N ILE B 61 8.30 -5.19 -1.29
CA ILE B 61 8.52 -4.09 -2.20
C ILE B 61 8.00 -4.48 -3.57
N ASN B 62 7.26 -3.57 -4.20
CA ASN B 62 6.51 -3.91 -5.40
C ASN B 62 6.26 -2.63 -6.18
N SER B 63 6.47 -2.68 -7.50
CA SER B 63 6.39 -1.45 -8.27
C SER B 63 4.98 -0.88 -8.23
N SER B 64 3.97 -1.75 -8.29
CA SER B 64 2.58 -1.29 -8.35
C SER B 64 2.18 -0.62 -7.04
N LEU B 65 2.53 -1.25 -5.92
CA LEU B 65 2.21 -0.65 -4.62
C LEU B 65 2.89 0.70 -4.47
N LEU B 66 4.15 0.81 -4.89
CA LEU B 66 4.83 2.11 -4.85
C LEU B 66 4.07 3.13 -5.69
N ILE B 67 3.67 2.76 -6.90
CA ILE B 67 2.96 3.70 -7.76
C ILE B 67 1.67 4.15 -7.09
N ALA B 68 1.01 3.23 -6.38
CA ALA B 68 -0.23 3.59 -5.69
C ALA B 68 0.05 4.55 -4.55
N ILE B 69 1.16 4.32 -3.84
CA ILE B 69 1.49 5.13 -2.66
C ILE B 69 1.72 6.58 -3.05
N PHE B 70 2.30 6.83 -4.21
CA PHE B 70 2.72 8.18 -4.55
C PHE B 70 1.77 8.91 -5.47
N GLN B 71 0.64 8.32 -5.83
CA GLN B 71 -0.35 9.06 -6.62
C GLN B 71 -0.79 10.29 -5.85
N LYS B 72 -1.06 11.39 -6.57
CA LYS B 72 -1.37 12.65 -5.92
C LYS B 72 -2.55 12.51 -4.95
N SER B 73 -3.59 11.77 -5.35
CA SER B 73 -4.75 11.55 -4.50
C SER B 73 -4.50 10.51 -3.39
N SER B 74 -3.25 10.23 -3.07
CA SER B 74 -3.10 9.21 -2.04
C SER B 74 -2.71 9.82 -0.71
N PRO B 75 -3.25 9.32 0.40
CA PRO B 75 -2.85 9.82 1.72
C PRO B 75 -1.36 9.69 2.02
N LEU B 76 -0.61 8.94 1.22
CA LEU B 76 0.78 8.63 1.55
C LEU B 76 1.78 9.23 0.56
N HIS B 77 1.35 10.15 -0.32
CA HIS B 77 2.23 10.58 -1.39
C HIS B 77 3.17 11.72 -0.99
N ASP B 78 2.91 12.40 0.12
CA ASP B 78 3.89 13.31 0.67
C ASP B 78 4.72 12.58 1.72
N GLY B 79 5.97 12.98 1.85
CA GLY B 79 6.88 12.28 2.72
C GLY B 79 7.63 11.19 1.98
N ALA B 80 8.39 10.43 2.74
CA ALA B 80 9.33 9.47 2.19
C ALA B 80 8.90 8.05 2.51
N VAL B 81 9.08 7.16 1.54
CA VAL B 81 9.03 5.74 1.78
C VAL B 81 10.39 5.28 2.27
N ILE B 82 10.43 4.38 3.24
CA ILE B 82 11.69 3.86 3.76
C ILE B 82 11.72 2.36 3.51
N ILE B 83 12.68 1.93 2.71
CA ILE B 83 12.85 0.51 2.39
C ILE B 83 13.95 -0.06 3.27
N VAL B 84 13.64 -1.14 3.97
CA VAL B 84 14.58 -1.82 4.86
C VAL B 84 14.71 -3.26 4.36
N ASP B 85 15.93 -3.64 3.99
CA ASP B 85 16.15 -4.89 3.28
C ASP B 85 15.22 -4.92 2.07
N ASP B 86 14.32 -5.90 2.00
CA ASP B 86 13.41 -6.01 0.86
C ASP B 86 11.98 -5.58 1.18
N ARG B 87 11.77 -4.77 2.22
CA ARG B 87 10.43 -4.41 2.65
C ARG B 87 10.22 -2.91 2.66
N ILE B 88 9.05 -2.47 2.21
CA ILE B 88 8.61 -1.09 2.38
C ILE B 88 8.15 -0.95 3.83
N LEU B 89 9.04 -0.49 4.71
CA LEU B 89 8.71 -0.43 6.13
C LEU B 89 7.80 0.75 6.45
N TYR B 90 8.13 1.95 5.94
CA TYR B 90 7.34 3.14 6.26
C TYR B 90 7.00 3.91 5.00
N ALA B 91 5.85 4.59 5.04
CA ALA B 91 5.49 5.54 4.01
C ALA B 91 5.10 6.84 4.70
N SER B 92 5.12 7.92 3.92
CA SER B 92 4.83 9.26 4.43
C SER B 92 5.66 9.56 5.68
N THR B 93 6.96 9.30 5.59
CA THR B 93 7.90 9.53 6.68
C THR B 93 8.56 10.88 6.55
N TYR B 94 8.76 11.56 7.69
CA TYR B 94 9.48 12.83 7.73
C TYR B 94 10.59 12.73 8.78
N PHE B 95 11.56 13.64 8.65
CA PHE B 95 12.71 13.67 9.55
C PHE B 95 12.98 15.10 10.00
N SER B 96 13.64 15.19 11.17
CA SER B 96 13.94 16.48 11.80
C SER B 96 15.27 17.06 11.36
N VAL B 97 15.78 16.66 10.20
CA VAL B 97 17.02 17.23 9.69
C VAL B 97 16.83 18.72 9.41
N SER B 98 17.93 19.48 9.48
CA SER B 98 17.91 20.93 9.46
C SER B 98 17.99 21.52 8.04
N GLU B 99 17.58 20.76 7.02
CA GLU B 99 17.41 21.28 5.66
C GLU B 99 15.95 21.36 5.23
N SER B 100 15.12 20.42 5.70
CA SER B 100 13.69 20.38 5.43
C SER B 100 12.88 21.21 6.43
N THR B 101 13.47 22.30 6.94
CA THR B 101 12.76 23.23 7.80
C THR B 101 12.09 24.36 7.02
N LEU B 102 12.53 24.62 5.80
CA LEU B 102 11.80 25.51 4.91
C LEU B 102 10.49 24.87 4.48
N GLU B 103 9.49 25.73 4.19
CA GLU B 103 8.15 25.28 3.79
C GLU B 103 7.79 26.01 2.50
N ASP B 104 8.50 25.71 1.41
CA ASP B 104 8.39 26.47 0.18
C ASP B 104 7.95 25.66 -1.02
N ARG B 105 7.70 24.36 -0.86
CA ARG B 105 7.20 23.49 -1.93
C ARG B 105 8.23 23.26 -3.04
N TYR B 106 8.76 24.34 -3.64
CA TYR B 106 9.82 24.14 -4.63
C TYR B 106 11.05 23.54 -3.96
N GLY B 107 11.56 22.44 -4.52
CA GLY B 107 12.74 21.82 -3.97
C GLY B 107 12.52 21.08 -2.67
N ALA B 108 11.27 20.93 -2.23
CA ALA B 108 11.00 20.31 -0.95
C ALA B 108 11.54 18.88 -0.87
N ARG B 109 11.28 18.05 -1.90
CA ARG B 109 11.70 16.65 -1.73
C ARG B 109 13.21 16.54 -1.85
N HIS B 110 13.80 17.32 -2.77
CA HIS B 110 15.25 17.36 -2.86
C HIS B 110 15.88 17.75 -1.53
N ARG B 111 15.29 18.73 -0.85
CA ARG B 111 15.84 19.16 0.43
C ARG B 111 15.69 18.08 1.49
N ALA B 112 14.51 17.44 1.55
CA ALA B 112 14.32 16.35 2.50
C ALA B 112 15.32 15.23 2.26
N ALA B 113 15.57 14.91 0.99
CA ALA B 113 16.52 13.86 0.63
C ALA B 113 17.93 14.24 1.06
N LEU B 114 18.32 15.49 0.78
CA LEU B 114 19.62 15.98 1.21
C LEU B 114 19.79 15.85 2.71
N GLY B 115 18.81 16.34 3.46
CA GLY B 115 18.84 16.18 4.91
C GLY B 115 19.07 14.74 5.33
N ILE B 116 18.26 13.81 4.80
CA ILE B 116 18.43 12.41 5.18
C ILE B 116 19.83 11.94 4.85
N SER B 117 20.34 12.30 3.67
CA SER B 117 21.64 11.80 3.23
C SER B 117 22.77 12.32 4.09
N GLU B 118 22.59 13.49 4.71
CA GLU B 118 23.64 14.07 5.54
C GLU B 118 23.75 13.40 6.90
N VAL B 119 22.72 12.70 7.36
CA VAL B 119 22.71 12.14 8.71
C VAL B 119 22.61 10.62 8.69
N SER B 120 22.89 10.00 7.54
CA SER B 120 22.83 8.55 7.42
C SER B 120 23.54 8.13 6.15
N ASP B 121 23.83 6.83 6.05
CA ASP B 121 24.39 6.23 4.87
C ASP B 121 23.33 5.74 3.88
N SER B 122 22.12 6.28 3.97
CA SER B 122 21.02 5.80 3.16
C SER B 122 21.14 6.30 1.72
N ILE B 123 20.57 5.53 0.81
CA ILE B 123 20.43 5.95 -0.59
C ILE B 123 19.02 6.47 -0.75
N THR B 124 18.83 7.55 -1.50
CA THR B 124 17.47 8.09 -1.63
C THR B 124 17.20 8.44 -3.08
N VAL B 125 16.25 7.79 -3.66
CA VAL B 125 15.78 8.14 -5.00
C VAL B 125 14.73 9.23 -4.85
N VAL B 126 14.82 10.24 -5.71
CA VAL B 126 13.83 11.32 -5.71
C VAL B 126 13.37 11.54 -7.14
N VAL B 127 12.05 11.51 -7.34
CA VAL B 127 11.43 11.85 -8.61
C VAL B 127 10.70 13.17 -8.43
N SER B 128 10.93 14.10 -9.35
CA SER B 128 10.47 15.47 -9.21
C SER B 128 9.09 15.65 -9.82
N GLU B 129 8.16 16.19 -9.05
CA GLU B 129 6.81 16.46 -9.55
C GLU B 129 6.80 17.46 -10.71
N GLN B 130 7.83 18.30 -10.83
CA GLN B 130 7.83 19.36 -11.83
C GLN B 130 8.36 18.85 -13.16
N SER B 131 9.52 18.20 -13.13
CA SER B 131 10.25 17.81 -14.33
C SER B 131 10.25 16.31 -14.56
N GLY B 132 9.83 15.52 -13.59
CA GLY B 132 10.05 14.09 -13.68
C GLY B 132 11.51 13.68 -13.58
N GLU B 133 12.41 14.63 -13.31
CA GLU B 133 13.83 14.29 -13.23
C GLU B 133 14.10 13.39 -12.04
N VAL B 134 15.05 12.48 -12.20
CA VAL B 134 15.34 11.46 -11.20
C VAL B 134 16.75 11.67 -10.66
N VAL B 135 16.89 11.66 -9.35
CA VAL B 135 18.21 11.78 -8.72
C VAL B 135 18.36 10.70 -7.67
N ILE B 136 19.60 10.30 -7.44
CA ILE B 136 19.96 9.35 -6.41
C ILE B 136 20.86 10.09 -5.43
N VAL B 137 20.38 10.28 -4.21
CA VAL B 137 21.00 11.18 -3.24
C VAL B 137 21.71 10.33 -2.21
N ARG B 138 22.99 10.62 -2.03
CA ARG B 138 23.80 9.88 -1.08
C ARG B 138 24.91 10.79 -0.58
N ASP B 139 25.02 10.91 0.74
CA ASP B 139 26.07 11.69 1.40
C ASP B 139 26.21 13.08 0.77
N ALA B 140 25.08 13.77 0.67
CA ALA B 140 25.00 15.14 0.19
C ALA B 140 25.33 15.29 -1.29
N ASN B 141 25.45 14.18 -2.04
CA ASN B 141 25.61 14.27 -3.48
C ASN B 141 24.34 13.85 -4.21
N PHE B 142 24.01 14.62 -5.24
CA PHE B 142 22.91 14.33 -6.15
C PHE B 142 23.47 13.71 -7.43
N PHE B 143 23.35 12.40 -7.58
CA PHE B 143 23.65 11.77 -8.87
C PHE B 143 22.43 11.89 -9.75
N LYS B 144 22.50 12.69 -10.81
CA LYS B 144 21.35 12.93 -11.67
C LYS B 144 21.32 11.83 -12.72
N VAL B 145 20.21 11.09 -12.78
CA VAL B 145 20.07 10.01 -13.74
C VAL B 145 19.35 10.58 -14.95
N THR B 146 20.14 11.07 -15.92
CA THR B 146 19.56 11.69 -17.11
C THR B 146 18.99 10.66 -18.07
N ASN B 147 19.51 9.43 -18.04
CA ASN B 147 19.07 8.34 -18.91
C ASN B 147 18.63 7.18 -18.01
N LEU B 148 17.31 6.97 -17.93
CA LEU B 148 16.77 6.02 -16.97
C LEU B 148 17.22 4.59 -17.24
N GLU B 149 17.72 4.31 -18.44
CA GLU B 149 18.21 2.96 -18.70
C GLU B 149 19.59 2.73 -18.09
N THR B 150 20.20 3.76 -17.50
CA THR B 150 21.35 3.57 -16.64
C THR B 150 20.96 3.35 -15.19
N PHE B 151 19.68 3.56 -14.85
CA PHE B 151 19.23 3.57 -13.47
C PHE B 151 19.71 2.35 -12.69
N THR B 152 19.28 1.16 -13.11
CA THR B 152 19.62 -0.06 -12.37
C THR B 152 21.12 -0.14 -12.10
N GLU B 153 21.94 0.25 -13.08
CA GLU B 153 23.39 0.20 -12.88
C GLU B 153 23.82 1.22 -11.82
N VAL B 154 23.45 2.49 -12.01
CA VAL B 154 23.85 3.54 -11.07
C VAL B 154 23.39 3.18 -9.66
N LEU B 155 22.09 2.90 -9.51
CA LEU B 155 21.56 2.53 -8.20
C LEU B 155 22.35 1.39 -7.59
N THR B 156 22.67 0.37 -8.39
CA THR B 156 23.40 -0.76 -7.84
C THR B 156 24.75 -0.32 -7.27
N LYS B 157 25.49 0.48 -8.04
CA LYS B 157 26.77 0.98 -7.51
C LYS B 157 26.54 1.74 -6.21
N GLU B 158 25.55 2.63 -6.19
CA GLU B 158 25.28 3.40 -4.98
C GLU B 158 25.02 2.50 -3.79
N LEU B 159 24.29 1.41 -4.01
CA LEU B 159 23.92 0.59 -2.87
C LEU B 159 25.10 -0.23 -2.36
N ASN B 160 26.13 -0.42 -3.18
CA ASN B 160 27.28 -1.23 -2.81
C ASN B 160 28.50 -0.42 -2.41
N SER B 161 28.37 0.90 -2.30
CA SER B 161 29.46 1.76 -1.90
C SER B 161 29.81 1.54 -0.42
N SER B 162 30.89 2.19 0.03
CA SER B 162 31.35 2.05 1.40
C SER B 162 30.38 2.74 2.36
N GLN B 163 30.06 2.06 3.47
CA GLN B 163 29.04 2.49 4.40
C GLN B 163 29.67 3.07 5.66
N THR B 164 28.86 3.23 6.71
CA THR B 164 29.27 3.84 7.97
C THR B 164 29.27 2.83 9.12
C1 MLA C . -13.92 -7.53 -8.71
O1A MLA C . -14.68 -6.71 -9.28
O1B MLA C . -13.82 -7.58 -7.45
C2 MLA C . -13.07 -8.48 -9.56
C3 MLA C . -13.24 -9.92 -9.09
O3A MLA C . -13.57 -10.80 -9.94
O3B MLA C . -13.03 -10.22 -7.88
C1 MLA D . -19.26 -1.65 -8.31
O1A MLA D . -19.25 -0.61 -7.62
O1B MLA D . -19.83 -2.66 -7.83
C2 MLA D . -18.55 -1.71 -9.68
C3 MLA D . -19.50 -1.60 -10.90
O3A MLA D . -19.04 -1.33 -12.05
O3B MLA D . -20.74 -1.79 -10.79
C1 MLA E . 9.40 18.02 -6.21
O1A MLA E . 9.37 19.22 -6.58
O1B MLA E . 8.41 17.26 -6.43
C2 MLA E . 10.61 17.41 -5.51
C3 MLA E . 11.37 18.29 -4.50
O3A MLA E . 11.24 18.18 -3.20
O3B MLA E . 12.21 19.08 -5.03
C1 MLA F . 7.92 15.94 0.99
O1A MLA F . 8.85 15.65 1.82
O1B MLA F . 7.30 15.01 0.38
C2 MLA F . 7.54 17.41 0.72
C3 MLA F . 6.29 17.53 -0.17
O3A MLA F . 5.35 16.70 -0.05
O3B MLA F . 6.20 18.46 -1.01
C1 MLA G . 11.36 -8.47 -10.06
O1A MLA G . 10.42 -7.79 -9.59
O1B MLA G . 12.25 -7.88 -10.75
C2 MLA G . 11.42 -9.98 -9.81
C3 MLA G . 12.87 -10.42 -9.52
O3A MLA G . 13.13 -11.26 -8.61
O3B MLA G . 13.82 -9.95 -10.21
#